data_7PK8
#
_entry.id   7PK8
#
_cell.length_a   35.920
_cell.length_b   66.880
_cell.length_c   62.980
_cell.angle_alpha   90.00
_cell.angle_beta   90.37
_cell.angle_gamma   90.00
#
_symmetry.space_group_name_H-M   'P 1 21 1'
#
loop_
_entity.id
_entity.type
_entity.pdbx_description
1 polymer 'UDP-3-O-acyl-N-acetylglucosamine deacetylase'
2 non-polymer 'ZINC ION'
3 non-polymer (2S,4S)-4-fluoranyl-N-[(3R,5R)-5-[[[4-[2-(4-methylphenyl)ethynyl]phenyl]carbonylamino]methyl]-1-(2-methylpropanoyl)pyrrolidin-3-yl]pyrrolidine-2-carboxamide
4 non-polymer 1,2-ETHANEDIOL
5 water water
#
_entity_poly.entity_id   1
_entity_poly.type   'polypeptide(L)'
_entity_poly.pdbx_seq_one_letter_code
;HHHHHHENLYFQSMIKQRTLKNIIRATGVGLHSGEKVYLTLKPAPVDTGIVFSRTDLDPVVEIPARAENVGETTMSTTLV
KGDVKVDTVEHLLSAMAGLGIDNAYVELSASEVPIMDGSAGPFVFLIQSAGLQEQEAAKKFIRIKREVSVEEGDKRAVFV
PFDGFKVSFEIDFDHPVFRGRTQQASVDFSSTSFVKEVSRARTFGFMRDIEYLRSQNLALGGSVENAIVVDENRVLNEDG
LRYEDEFVKHKILDAIGDLYLLGNSLIGEFRGFKSGHALNNQLLRTLIADKDAWEVVTFEDARTAPISYMRP
;
_entity_poly.pdbx_strand_id   A
#
loop_
_chem_comp.id
_chem_comp.type
_chem_comp.name
_chem_comp.formula
7T5 non-polymer (2S,4S)-4-fluoranyl-N-[(3R,5R)-5-[[[4-[2-(4-methylphenyl)ethynyl]phenyl]carbonylamino]methyl]-1-(2-methylpropanoyl)pyrrolidin-3-yl]pyrrolidine-2-carboxamide 'C30 H35 F N4 O3'
EDO non-polymer 1,2-ETHANEDIOL 'C2 H6 O2'
ZN non-polymer 'ZINC ION' 'Zn 2'
#
# COMPACT_ATOMS: atom_id res chain seq x y z
N SER A 13 -29.27 1.44 1.36
CA SER A 13 -28.25 0.62 2.11
C SER A 13 -27.04 0.29 1.22
N MET A 14 -26.97 0.87 0.02
CA MET A 14 -25.92 0.64 -1.01
C MET A 14 -24.54 1.04 -0.46
N ILE A 15 -23.52 0.20 -0.64
CA ILE A 15 -22.11 0.61 -0.33
C ILE A 15 -21.66 1.59 -1.42
N LYS A 16 -21.35 2.82 -1.01
CA LYS A 16 -21.07 3.98 -1.91
C LYS A 16 -19.57 4.20 -2.00
N GLN A 17 -19.12 4.86 -3.06
CA GLN A 17 -17.72 5.29 -3.23
C GLN A 17 -17.41 6.37 -2.19
N ARG A 18 -16.12 6.59 -1.94
CA ARG A 18 -15.62 7.54 -0.93
C ARG A 18 -14.47 8.34 -1.54
N THR A 19 -14.46 9.64 -1.27
CA THR A 19 -13.31 10.56 -1.52
C THR A 19 -12.98 11.23 -0.21
N LEU A 20 -12.13 12.26 -0.23
CA LEU A 20 -11.81 13.06 0.98
C LEU A 20 -12.88 14.14 1.18
N LYS A 21 -13.21 14.45 2.43
CA LYS A 21 -14.14 15.56 2.80
C LYS A 21 -13.37 16.88 2.61
N ASN A 22 -12.06 16.86 2.84
CA ASN A 22 -11.20 18.07 2.84
C ASN A 22 -9.83 17.73 2.25
N ILE A 23 -9.10 18.76 1.83
CA ILE A 23 -7.71 18.63 1.33
C ILE A 23 -6.81 18.33 2.53
N ILE A 24 -5.82 17.46 2.32
CA ILE A 24 -4.75 17.09 3.31
C ILE A 24 -3.42 17.56 2.72
N ARG A 25 -2.63 18.30 3.50
CA ARG A 25 -1.25 18.69 3.15
C ARG A 25 -0.30 18.05 4.17
N ALA A 26 0.79 17.45 3.69
CA ALA A 26 1.86 16.90 4.55
C ALA A 26 3.20 17.20 3.92
N THR A 27 4.25 17.17 4.73
CA THR A 27 5.65 17.46 4.37
C THR A 27 6.49 16.27 4.85
N GLY A 28 7.40 15.77 4.02
CA GLY A 28 8.33 14.70 4.45
C GLY A 28 9.50 14.55 3.51
N VAL A 29 10.25 13.46 3.66
CA VAL A 29 11.45 13.17 2.84
C VAL A 29 11.22 11.84 2.13
N GLY A 30 11.68 11.72 0.89
CA GLY A 30 11.84 10.40 0.24
C GLY A 30 12.79 9.52 1.03
N LEU A 31 12.38 8.29 1.34
CA LEU A 31 13.30 7.28 1.93
C LEU A 31 14.54 7.18 1.04
N HIS A 32 14.34 7.06 -0.27
CA HIS A 32 15.39 6.75 -1.27
C HIS A 32 16.11 8.02 -1.72
N SER A 33 15.35 9.05 -2.09
CA SER A 33 15.89 10.33 -2.63
C SER A 33 16.51 11.20 -1.53
N GLY A 34 15.99 11.12 -0.30
CA GLY A 34 16.34 12.09 0.77
C GLY A 34 15.83 13.48 0.46
N GLU A 35 14.98 13.62 -0.56
CA GLU A 35 14.42 14.92 -1.02
C GLU A 35 13.22 15.30 -0.14
N LYS A 36 13.16 16.55 0.29
CA LYS A 36 11.97 17.17 0.91
C LYS A 36 10.85 17.20 -0.14
N VAL A 37 9.68 16.67 0.19
CA VAL A 37 8.51 16.65 -0.74
C VAL A 37 7.31 17.25 -0.02
N TYR A 38 6.57 18.10 -0.74
CA TYR A 38 5.24 18.62 -0.35
C TYR A 38 4.19 17.68 -0.96
N LEU A 39 3.24 17.22 -0.14
CA LEU A 39 2.20 16.23 -0.52
C LEU A 39 0.85 16.89 -0.32
N THR A 40 -0.06 16.82 -1.29
CA THR A 40 -1.47 17.26 -1.13
C THR A 40 -2.41 16.17 -1.65
N LEU A 41 -3.32 15.68 -0.80
CA LEU A 41 -4.41 14.75 -1.19
C LEU A 41 -5.66 15.60 -1.43
N LYS A 42 -6.26 15.52 -2.61
CA LYS A 42 -7.45 16.32 -2.99
C LYS A 42 -8.62 15.38 -3.23
N PRO A 43 -9.86 15.78 -2.85
CA PRO A 43 -11.05 15.03 -3.27
C PRO A 43 -11.00 14.86 -4.79
N ALA A 44 -11.70 13.85 -5.30
CA ALA A 44 -11.77 13.56 -6.75
C ALA A 44 -13.15 13.02 -7.08
N PRO A 45 -13.66 13.32 -8.28
CA PRO A 45 -14.91 12.76 -8.78
C PRO A 45 -15.02 11.23 -8.71
N VAL A 46 -16.26 10.75 -8.56
CA VAL A 46 -16.72 9.35 -8.78
C VAL A 46 -15.92 8.73 -9.93
N ASP A 47 -15.41 7.50 -9.74
CA ASP A 47 -14.75 6.64 -10.76
C ASP A 47 -13.43 7.25 -11.25
N THR A 48 -12.83 8.17 -10.50
CA THR A 48 -11.50 8.73 -10.83
C THR A 48 -10.43 7.67 -10.55
N GLY A 49 -10.55 6.97 -9.42
CA GLY A 49 -9.48 6.12 -8.85
C GLY A 49 -8.47 6.97 -8.09
N ILE A 50 -7.32 6.41 -7.75
CA ILE A 50 -6.18 7.15 -7.11
C ILE A 50 -5.16 7.53 -8.19
N VAL A 51 -4.89 8.82 -8.33
CA VAL A 51 -4.14 9.44 -9.46
C VAL A 51 -3.04 10.32 -8.84
N PHE A 52 -1.77 9.99 -9.09
CA PHE A 52 -0.61 10.81 -8.61
C PHE A 52 -0.33 11.91 -9.64
N SER A 53 -0.01 13.12 -9.17
CA SER A 53 0.39 14.28 -10.01
C SER A 53 1.78 14.76 -9.59
N ARG A 54 2.68 14.86 -10.56
CA ARG A 54 3.98 15.55 -10.37
C ARG A 54 3.76 17.03 -10.70
N THR A 55 3.35 17.83 -9.72
CA THR A 55 2.95 19.26 -9.89
C THR A 55 4.21 20.13 -10.03
N ASP A 56 5.37 19.61 -9.63
CA ASP A 56 6.68 20.30 -9.78
C ASP A 56 7.05 20.45 -11.26
N LEU A 57 6.49 19.62 -12.15
CA LEU A 57 6.83 19.57 -13.60
C LEU A 57 5.86 20.46 -14.38
N ASP A 58 6.32 21.01 -15.51
CA ASP A 58 5.53 21.88 -16.42
C ASP A 58 5.62 21.34 -17.85
N PRO A 59 4.55 20.69 -18.38
CA PRO A 59 3.27 20.57 -17.69
C PRO A 59 3.25 19.47 -16.62
N VAL A 60 2.26 19.54 -15.73
CA VAL A 60 1.97 18.53 -14.68
C VAL A 60 1.83 17.15 -15.35
N VAL A 61 2.43 16.13 -14.75
CA VAL A 61 2.35 14.72 -15.21
C VAL A 61 1.56 13.91 -14.18
N GLU A 62 0.48 13.26 -14.63
CA GLU A 62 -0.45 12.46 -13.80
C GLU A 62 -0.33 10.99 -14.21
N ILE A 63 -0.28 10.09 -13.21
CA ILE A 63 -0.14 8.62 -13.40
C ILE A 63 -1.21 7.94 -12.53
N PRO A 64 -2.27 7.36 -13.13
CA PRO A 64 -3.20 6.52 -12.36
C PRO A 64 -2.41 5.46 -11.60
N ALA A 65 -2.74 5.26 -10.32
CA ALA A 65 -2.12 4.24 -9.46
C ALA A 65 -2.71 2.88 -9.84
N ARG A 66 -2.27 2.36 -10.99
CA ARG A 66 -2.80 1.14 -11.65
C ARG A 66 -1.64 0.23 -12.06
N ALA A 67 -1.89 -1.09 -12.11
CA ALA A 67 -0.87 -2.14 -12.29
C ALA A 67 -0.07 -1.89 -13.57
N GLU A 68 -0.75 -1.47 -14.64
CA GLU A 68 -0.15 -1.18 -15.98
C GLU A 68 0.86 -0.01 -15.93
N ASN A 69 0.89 0.81 -14.88
CA ASN A 69 1.80 1.99 -14.78
C ASN A 69 2.97 1.68 -13.85
N VAL A 70 3.02 0.47 -13.30
CA VAL A 70 4.14 0.04 -12.41
C VAL A 70 5.36 -0.23 -13.27
N GLY A 71 6.47 0.46 -13.02
CA GLY A 71 7.68 0.38 -13.87
C GLY A 71 8.85 -0.22 -13.12
N GLU A 72 9.08 0.23 -11.89
CA GLU A 72 10.14 -0.30 -10.99
C GLU A 72 9.48 -0.89 -9.74
N THR A 73 10.10 -1.93 -9.20
CA THR A 73 9.66 -2.70 -8.00
C THR A 73 10.89 -3.03 -7.15
N THR A 74 11.93 -2.18 -7.26
CA THR A 74 13.24 -2.34 -6.60
C THR A 74 13.24 -1.49 -5.32
N MET A 75 13.00 -2.13 -4.18
CA MET A 75 13.01 -1.50 -2.83
C MET A 75 11.91 -0.43 -2.72
N SER A 76 10.94 -0.44 -3.64
CA SER A 76 9.64 0.29 -3.55
C SER A 76 8.79 -0.01 -4.80
N THR A 77 7.50 0.34 -4.76
CA THR A 77 6.57 0.29 -5.94
C THR A 77 6.61 1.65 -6.64
N THR A 78 6.95 1.66 -7.93
CA THR A 78 7.21 2.89 -8.71
C THR A 78 6.22 2.94 -9.87
N LEU A 79 5.46 4.02 -9.95
CA LEU A 79 4.62 4.37 -11.13
C LEU A 79 5.52 5.13 -12.10
N VAL A 80 5.34 4.91 -13.40
CA VAL A 80 6.18 5.47 -14.49
C VAL A 80 5.29 5.85 -15.68
N LYS A 81 5.58 7.01 -16.30
CA LYS A 81 4.98 7.47 -17.58
C LYS A 81 6.06 8.20 -18.36
N GLY A 82 6.55 7.58 -19.44
CA GLY A 82 7.76 8.02 -20.14
C GLY A 82 8.94 8.09 -19.20
N ASP A 83 9.56 9.26 -19.09
CA ASP A 83 10.80 9.52 -18.31
C ASP A 83 10.46 9.90 -16.86
N VAL A 84 9.18 9.92 -16.48
CA VAL A 84 8.66 10.47 -15.18
C VAL A 84 8.30 9.30 -14.25
N LYS A 85 8.75 9.33 -13.00
CA LYS A 85 8.35 8.32 -11.99
C LYS A 85 7.76 9.00 -10.74
N VAL A 86 6.96 8.22 -10.01
CA VAL A 86 6.58 8.46 -8.58
C VAL A 86 7.05 7.22 -7.80
N ASP A 87 8.10 7.34 -6.99
CA ASP A 87 8.68 6.21 -6.21
C ASP A 87 7.88 6.02 -4.92
N THR A 88 7.80 4.77 -4.44
CA THR A 88 7.42 4.40 -3.04
C THR A 88 5.97 4.82 -2.77
N VAL A 89 5.01 4.25 -3.50
CA VAL A 89 3.56 4.64 -3.43
C VAL A 89 2.82 3.73 -2.45
N GLU A 90 3.42 2.61 -2.07
CA GLU A 90 2.70 1.45 -1.48
C GLU A 90 2.14 1.77 -0.09
N HIS A 91 2.78 2.65 0.70
CA HIS A 91 2.35 2.96 2.09
C HIS A 91 1.08 3.81 2.08
N LEU A 92 1.02 4.78 1.18
CA LEU A 92 -0.12 5.74 1.04
C LEU A 92 -1.30 5.00 0.41
N LEU A 93 -1.03 4.22 -0.63
CA LEU A 93 -2.03 3.35 -1.30
C LEU A 93 -2.57 2.34 -0.28
N SER A 94 -1.73 1.95 0.68
CA SER A 94 -2.12 1.08 1.83
C SER A 94 -3.17 1.79 2.69
N ALA A 95 -2.92 3.04 3.08
CA ALA A 95 -3.80 3.89 3.91
C ALA A 95 -5.13 4.11 3.18
N MET A 96 -5.09 4.36 1.87
CA MET A 96 -6.32 4.63 1.08
C MET A 96 -7.13 3.35 0.88
N ALA A 97 -6.46 2.20 0.74
CA ALA A 97 -7.11 0.86 0.72
C ALA A 97 -7.76 0.56 2.08
N GLY A 98 -7.01 0.75 3.17
CA GLY A 98 -7.44 0.53 4.56
C GLY A 98 -8.69 1.31 4.93
N LEU A 99 -8.79 2.57 4.50
CA LEU A 99 -9.89 3.51 4.86
C LEU A 99 -11.03 3.51 3.82
N GLY A 100 -10.88 2.76 2.73
CA GLY A 100 -11.92 2.57 1.70
C GLY A 100 -12.06 3.76 0.77
N ILE A 101 -10.95 4.40 0.40
CA ILE A 101 -10.98 5.60 -0.50
C ILE A 101 -10.85 5.15 -1.96
N ASP A 102 -11.91 5.35 -2.74
CA ASP A 102 -11.96 5.08 -4.19
C ASP A 102 -11.26 6.18 -4.97
N ASN A 103 -11.56 7.46 -4.70
CA ASN A 103 -11.22 8.60 -5.58
C ASN A 103 -10.39 9.65 -4.82
N ALA A 104 -9.20 9.97 -5.32
CA ALA A 104 -8.28 10.99 -4.75
C ALA A 104 -7.20 11.39 -5.75
N TYR A 105 -6.89 12.69 -5.82
CA TYR A 105 -5.66 13.24 -6.45
C TYR A 105 -4.58 13.33 -5.37
N VAL A 106 -3.40 12.79 -5.69
CA VAL A 106 -2.17 12.84 -4.84
C VAL A 106 -1.16 13.72 -5.56
N GLU A 107 -1.03 14.98 -5.13
CA GLU A 107 -0.03 15.93 -5.68
C GLU A 107 1.27 15.81 -4.88
N LEU A 108 2.41 15.76 -5.58
CA LEU A 108 3.78 15.67 -5.02
C LEU A 108 4.63 16.76 -5.67
N SER A 109 5.49 17.43 -4.90
CA SER A 109 6.47 18.43 -5.39
C SER A 109 7.77 17.73 -5.86
N ALA A 110 7.89 16.42 -5.63
CA ALA A 110 9.10 15.63 -5.96
C ALA A 110 8.68 14.21 -6.38
N SER A 111 9.63 13.40 -6.85
CA SER A 111 9.39 12.09 -7.51
C SER A 111 9.06 11.01 -6.48
N GLU A 112 9.33 11.23 -5.19
CA GLU A 112 9.10 10.18 -4.16
C GLU A 112 8.06 10.65 -3.14
N VAL A 113 7.11 9.78 -2.80
CA VAL A 113 6.11 9.98 -1.71
C VAL A 113 6.89 10.04 -0.40
N PRO A 114 6.53 10.95 0.53
CA PRO A 114 7.30 11.10 1.75
C PRO A 114 7.13 9.86 2.65
N ILE A 115 8.20 9.45 3.32
CA ILE A 115 8.21 8.18 4.11
C ILE A 115 7.50 8.38 5.44
N MET A 116 7.41 9.61 5.95
CA MET A 116 6.80 9.92 7.28
C MET A 116 7.57 9.14 8.35
N ASP A 117 6.88 8.34 9.17
CA ASP A 117 7.47 7.52 10.28
C ASP A 117 7.84 6.12 9.77
N GLY A 118 7.62 5.85 8.47
CA GLY A 118 7.93 4.55 7.83
C GLY A 118 6.71 3.65 7.70
N SER A 119 5.55 4.07 8.22
CA SER A 119 4.27 3.31 8.22
C SER A 119 3.18 4.09 7.47
N ALA A 120 1.97 3.54 7.44
CA ALA A 120 0.75 4.17 6.90
C ALA A 120 0.04 5.01 7.98
N GLY A 121 0.54 4.99 9.23
CA GLY A 121 -0.08 5.61 10.41
C GLY A 121 -0.34 7.11 10.26
N PRO A 122 0.72 7.91 10.00
CA PRO A 122 0.56 9.35 9.75
C PRO A 122 -0.43 9.64 8.61
N PHE A 123 -0.40 8.86 7.52
CA PHE A 123 -1.33 8.99 6.37
C PHE A 123 -2.78 8.75 6.83
N VAL A 124 -3.04 7.77 7.69
CA VAL A 124 -4.43 7.40 8.11
C VAL A 124 -4.94 8.49 9.06
N PHE A 125 -4.09 8.94 10.00
CA PHE A 125 -4.43 10.05 10.93
C PHE A 125 -4.80 11.31 10.14
N LEU A 126 -3.95 11.76 9.21
CA LEU A 126 -4.17 13.00 8.41
C LEU A 126 -5.47 12.90 7.62
N ILE A 127 -5.74 11.74 7.02
CA ILE A 127 -6.97 11.49 6.23
C ILE A 127 -8.19 11.50 7.15
N GLN A 128 -8.12 10.79 8.28
CA GLN A 128 -9.28 10.60 9.20
C GLN A 128 -9.56 11.91 9.94
N SER A 129 -8.56 12.77 10.11
CA SER A 129 -8.70 14.13 10.68
C SER A 129 -9.49 15.00 9.70
N ALA A 130 -9.21 14.85 8.40
CA ALA A 130 -9.88 15.58 7.30
C ALA A 130 -11.29 15.00 7.05
N GLY A 131 -11.47 13.70 7.28
CA GLY A 131 -12.74 12.99 7.06
C GLY A 131 -12.91 12.55 5.62
N LEU A 132 -13.80 11.56 5.40
CA LEU A 132 -14.18 11.06 4.06
C LEU A 132 -15.59 11.53 3.69
N GLN A 133 -15.86 11.57 2.38
CA GLN A 133 -17.14 11.97 1.76
C GLN A 133 -17.67 10.80 0.94
N GLU A 134 -18.83 10.27 1.31
CA GLU A 134 -19.55 9.27 0.46
C GLU A 134 -20.05 10.02 -0.77
N GLN A 135 -20.03 9.37 -1.93
CA GLN A 135 -20.44 9.92 -3.25
C GLN A 135 -21.57 9.03 -3.80
N GLU A 136 -22.42 9.57 -4.68
CA GLU A 136 -23.66 8.90 -5.15
C GLU A 136 -23.33 7.98 -6.34
N ALA A 137 -22.67 6.86 -6.04
CA ALA A 137 -22.27 5.81 -7.01
C ALA A 137 -21.84 4.58 -6.22
N ALA A 138 -22.35 3.41 -6.60
CA ALA A 138 -21.94 2.09 -6.06
C ALA A 138 -20.41 2.01 -6.01
N LYS A 139 -19.86 1.56 -4.89
CA LYS A 139 -18.45 1.13 -4.78
C LYS A 139 -18.31 -0.18 -5.58
N LYS A 140 -17.33 -0.23 -6.48
CA LYS A 140 -16.99 -1.43 -7.28
C LYS A 140 -15.95 -2.23 -6.50
N PHE A 141 -16.13 -3.56 -6.43
CA PHE A 141 -15.19 -4.52 -5.80
C PHE A 141 -14.69 -5.50 -6.86
N ILE A 142 -13.45 -5.97 -6.73
CA ILE A 142 -12.91 -7.13 -7.50
C ILE A 142 -13.11 -8.37 -6.63
N ARG A 143 -13.94 -9.32 -7.06
CA ARG A 143 -14.16 -10.59 -6.33
C ARG A 143 -13.33 -11.69 -7.00
N ILE A 144 -12.47 -12.37 -6.24
CA ILE A 144 -11.72 -13.59 -6.68
C ILE A 144 -12.70 -14.76 -6.78
N LYS A 145 -12.73 -15.45 -7.93
CA LYS A 145 -13.64 -16.58 -8.25
C LYS A 145 -12.85 -17.89 -8.40
N ARG A 146 -11.60 -17.79 -8.86
CA ARG A 146 -10.67 -18.93 -9.06
C ARG A 146 -9.37 -18.63 -8.32
N GLU A 147 -8.64 -19.66 -7.93
CA GLU A 147 -7.28 -19.53 -7.34
C GLU A 147 -6.33 -19.05 -8.43
N VAL A 148 -5.50 -18.05 -8.12
CA VAL A 148 -4.40 -17.55 -8.98
C VAL A 148 -3.13 -17.55 -8.14
N SER A 149 -2.17 -18.38 -8.54
CA SER A 149 -0.84 -18.56 -7.89
C SER A 149 0.24 -18.11 -8.87
N VAL A 150 1.23 -17.37 -8.40
CA VAL A 150 2.53 -17.20 -9.14
C VAL A 150 3.66 -17.58 -8.19
N GLU A 151 4.70 -18.22 -8.72
CA GLU A 151 5.96 -18.46 -7.98
C GLU A 151 7.15 -18.15 -8.88
N GLU A 152 8.25 -17.73 -8.26
CA GLU A 152 9.60 -17.64 -8.87
C GLU A 152 10.60 -18.05 -7.77
N GLY A 153 11.35 -19.13 -7.99
CA GLY A 153 12.19 -19.73 -6.95
C GLY A 153 11.35 -20.23 -5.80
N ASP A 154 11.77 -19.97 -4.55
CA ASP A 154 11.08 -20.44 -3.33
C ASP A 154 9.99 -19.44 -2.90
N LYS A 155 9.90 -18.29 -3.60
CA LYS A 155 8.89 -17.24 -3.31
C LYS A 155 7.57 -17.60 -4.01
N ARG A 156 6.46 -17.08 -3.51
CA ARG A 156 5.10 -17.46 -3.93
C ARG A 156 4.11 -16.38 -3.48
N ALA A 157 3.10 -16.13 -4.32
CA ALA A 157 2.00 -15.17 -4.07
C ALA A 157 0.72 -15.73 -4.68
N VAL A 158 -0.37 -15.81 -3.90
CA VAL A 158 -1.65 -16.49 -4.31
C VAL A 158 -2.83 -15.58 -4.01
N PHE A 159 -3.78 -15.48 -4.95
CA PHE A 159 -5.18 -15.05 -4.68
C PHE A 159 -6.04 -16.31 -4.54
N VAL A 160 -6.87 -16.36 -3.50
CA VAL A 160 -7.82 -17.46 -3.19
C VAL A 160 -9.19 -16.83 -3.00
N PRO A 161 -10.29 -17.43 -3.52
CA PRO A 161 -11.63 -16.91 -3.22
C PRO A 161 -11.86 -16.96 -1.70
N PHE A 162 -12.48 -15.91 -1.17
CA PHE A 162 -12.81 -15.76 0.27
C PHE A 162 -13.93 -14.72 0.39
N ASP A 163 -15.03 -15.06 1.08
CA ASP A 163 -16.19 -14.16 1.26
C ASP A 163 -15.82 -13.12 2.32
N GLY A 164 -14.95 -12.19 1.93
CA GLY A 164 -14.40 -11.13 2.78
C GLY A 164 -13.10 -10.63 2.19
N PHE A 165 -12.26 -9.99 3.00
CA PHE A 165 -10.88 -9.61 2.61
C PHE A 165 -9.93 -10.05 3.73
N LYS A 166 -8.91 -10.81 3.38
CA LYS A 166 -7.91 -11.27 4.37
C LYS A 166 -6.57 -11.50 3.67
N VAL A 167 -5.48 -11.25 4.40
CA VAL A 167 -4.07 -11.24 3.90
C VAL A 167 -3.26 -12.10 4.86
N SER A 168 -2.67 -13.19 4.37
CA SER A 168 -1.68 -13.99 5.11
C SER A 168 -0.30 -13.72 4.49
N PHE A 169 0.72 -13.61 5.33
CA PHE A 169 2.12 -13.42 4.89
C PHE A 169 3.09 -14.21 5.78
N GLU A 170 4.14 -14.71 5.16
CA GLU A 170 5.27 -15.38 5.85
C GLU A 170 6.56 -14.87 5.24
N ILE A 171 7.51 -14.47 6.07
CA ILE A 171 8.90 -14.14 5.65
C ILE A 171 9.82 -15.17 6.33
N ASP A 172 11.05 -15.34 5.85
CA ASP A 172 11.98 -16.38 6.38
C ASP A 172 13.42 -15.88 6.27
N PHE A 173 13.72 -14.77 6.95
CA PHE A 173 15.10 -14.24 7.15
C PHE A 173 15.80 -15.10 8.19
N ASP A 174 17.05 -15.48 7.94
CA ASP A 174 17.95 -16.11 8.94
C ASP A 174 18.74 -14.97 9.60
N HIS A 175 18.28 -14.56 10.79
CA HIS A 175 18.74 -13.35 11.50
C HIS A 175 18.23 -13.40 12.94
N PRO A 176 19.12 -13.27 13.96
CA PRO A 176 18.73 -13.42 15.36
C PRO A 176 17.40 -12.75 15.75
N VAL A 177 17.19 -11.53 15.24
CA VAL A 177 16.05 -10.61 15.55
C VAL A 177 14.71 -11.24 15.12
N PHE A 178 14.71 -12.41 14.46
CA PHE A 178 13.53 -13.30 14.30
C PHE A 178 13.83 -14.65 14.98
N GLN A 183 7.36 -14.36 12.30
CA GLN A 183 7.62 -14.27 10.84
C GLN A 183 6.41 -14.75 10.03
N GLN A 184 5.29 -15.04 10.68
CA GLN A 184 3.99 -15.41 10.05
C GLN A 184 2.88 -14.63 10.78
N ALA A 185 1.95 -14.07 10.00
CA ALA A 185 0.75 -13.37 10.50
C ALA A 185 -0.36 -13.53 9.46
N SER A 186 -1.60 -13.66 9.92
CA SER A 186 -2.80 -13.69 9.06
C SER A 186 -3.80 -12.67 9.61
N VAL A 187 -4.44 -11.90 8.74
CA VAL A 187 -5.33 -10.80 9.18
C VAL A 187 -6.60 -10.80 8.33
N ASP A 188 -7.75 -11.01 8.97
CA ASP A 188 -9.10 -10.83 8.36
C ASP A 188 -9.59 -9.44 8.75
N PHE A 189 -9.92 -8.59 7.77
CA PHE A 189 -10.11 -7.12 7.97
C PHE A 189 -11.58 -6.79 8.26
N SER A 190 -12.46 -7.79 8.30
CA SER A 190 -13.86 -7.61 8.81
C SER A 190 -13.88 -7.97 10.31
N SER A 191 -12.78 -8.53 10.82
CA SER A 191 -12.60 -8.98 12.22
C SER A 191 -11.47 -8.20 12.92
N THR A 192 -10.47 -7.73 12.16
CA THR A 192 -9.24 -7.05 12.67
C THR A 192 -9.20 -5.60 12.14
N SER A 193 -8.76 -4.66 12.97
CA SER A 193 -8.62 -3.22 12.62
C SER A 193 -7.30 -3.01 11.85
N PHE A 194 -7.40 -2.59 10.59
CA PHE A 194 -6.26 -2.06 9.80
C PHE A 194 -5.58 -0.92 10.57
N VAL A 195 -6.35 0.04 11.07
CA VAL A 195 -5.80 1.24 11.77
C VAL A 195 -4.91 0.76 12.90
N LYS A 196 -5.44 -0.09 13.78
CA LYS A 196 -4.84 -0.41 15.10
C LYS A 196 -3.70 -1.41 14.93
N GLU A 197 -3.89 -2.44 14.10
CA GLU A 197 -3.07 -3.68 14.14
C GLU A 197 -2.09 -3.78 12.96
N VAL A 198 -2.16 -2.91 11.96
CA VAL A 198 -1.34 -3.02 10.70
C VAL A 198 -0.73 -1.66 10.32
N SER A 199 -1.51 -0.57 10.32
CA SER A 199 -1.15 0.75 9.74
C SER A 199 0.14 1.30 10.35
N ARG A 200 0.44 0.94 11.60
CA ARG A 200 1.57 1.51 12.37
C ARG A 200 2.84 0.67 12.20
N ALA A 201 2.77 -0.42 11.43
CA ALA A 201 3.92 -1.32 11.16
C ALA A 201 4.91 -0.62 10.22
N ARG A 202 6.12 -0.35 10.70
CA ARG A 202 7.15 0.44 9.98
C ARG A 202 7.95 -0.43 9.02
N THR A 203 8.45 0.18 7.94
CA THR A 203 9.49 -0.41 7.05
C THR A 203 10.74 -0.69 7.90
N PHE A 204 11.58 -1.60 7.43
CA PHE A 204 12.79 -2.06 8.15
C PHE A 204 13.95 -2.19 7.16
N GLY A 205 15.16 -1.96 7.64
CA GLY A 205 16.41 -2.19 6.90
C GLY A 205 17.46 -2.81 7.81
N PHE A 206 18.42 -3.51 7.20
CA PHE A 206 19.59 -4.14 7.86
C PHE A 206 20.80 -3.23 7.68
N MET A 207 21.56 -3.02 8.75
CA MET A 207 22.81 -2.22 8.78
C MET A 207 23.71 -2.58 7.58
N ARG A 208 23.97 -3.87 7.35
CA ARG A 208 24.86 -4.36 6.27
C ARG A 208 24.46 -3.71 4.93
N ASP A 209 23.16 -3.72 4.60
CA ASP A 209 22.62 -3.27 3.30
C ASP A 209 22.74 -1.74 3.14
N ILE A 210 22.56 -0.97 4.21
CA ILE A 210 22.49 0.54 4.18
C ILE A 210 23.76 1.11 3.52
N GLU A 211 24.94 0.57 3.85
CA GLU A 211 26.25 0.98 3.25
C GLU A 211 26.16 0.82 1.73
N TYR A 212 25.92 -0.41 1.25
CA TYR A 212 25.79 -0.75 -0.18
C TYR A 212 24.71 0.13 -0.82
N LEU A 213 23.55 0.27 -0.15
CA LEU A 213 22.39 1.01 -0.70
C LEU A 213 22.75 2.49 -0.88
N ARG A 214 23.44 3.08 0.11
CA ARG A 214 23.96 4.47 0.06
C ARG A 214 24.65 4.68 -1.30
N SER A 215 25.54 3.75 -1.68
CA SER A 215 26.27 3.75 -2.98
C SER A 215 25.27 3.93 -4.14
N GLN A 216 24.50 2.88 -4.49
CA GLN A 216 23.59 2.88 -5.66
C GLN A 216 22.41 3.83 -5.41
N ASN A 217 22.71 5.09 -5.05
CA ASN A 217 21.76 6.19 -4.72
C ASN A 217 20.45 5.64 -4.14
N LEU A 218 20.48 5.08 -2.92
CA LEU A 218 19.28 4.59 -2.19
C LEU A 218 19.42 4.84 -0.69
N ALA A 219 18.28 4.88 0.01
CA ALA A 219 18.17 5.04 1.49
C ALA A 219 18.70 6.40 1.94
N LEU A 220 18.66 7.42 1.07
CA LEU A 220 19.32 8.72 1.33
C LEU A 220 18.55 9.49 2.41
N GLY A 221 17.26 9.19 2.60
CA GLY A 221 16.40 9.80 3.62
C GLY A 221 16.15 8.90 4.82
N GLY A 222 16.67 7.67 4.81
CA GLY A 222 16.49 6.71 5.91
C GLY A 222 17.08 7.20 7.22
N SER A 223 16.36 6.94 8.32
CA SER A 223 16.83 7.09 9.72
C SER A 223 15.90 6.30 10.66
N VAL A 224 16.30 6.16 11.93
CA VAL A 224 15.46 5.61 13.04
C VAL A 224 14.12 6.37 13.12
N GLU A 225 14.00 7.55 12.51
CA GLU A 225 12.75 8.36 12.56
C GLU A 225 11.73 7.73 11.61
N ASN A 226 12.16 6.96 10.60
CA ASN A 226 11.24 6.48 9.52
C ASN A 226 11.48 5.01 9.18
N ALA A 227 12.21 4.26 10.00
CA ALA A 227 12.57 2.84 9.75
C ALA A 227 13.04 2.16 11.03
N ILE A 228 12.74 0.86 11.15
CA ILE A 228 13.37 -0.06 12.13
C ILE A 228 14.74 -0.43 11.54
N VAL A 229 15.82 0.13 12.10
CA VAL A 229 17.23 -0.12 11.71
C VAL A 229 17.73 -1.33 12.53
N VAL A 230 18.11 -2.40 11.84
CA VAL A 230 18.51 -3.70 12.47
C VAL A 230 19.99 -3.93 12.16
N ASP A 231 20.82 -4.13 13.20
CA ASP A 231 22.18 -4.69 13.05
C ASP A 231 22.05 -6.21 13.15
N GLU A 232 23.17 -6.92 13.36
CA GLU A 232 23.22 -8.40 13.27
C GLU A 232 22.35 -9.05 14.36
N ASN A 233 22.07 -8.35 15.48
CA ASN A 233 21.41 -8.93 16.68
C ASN A 233 20.16 -8.14 17.10
N ARG A 234 20.22 -6.81 17.07
CA ARG A 234 19.24 -5.90 17.71
C ARG A 234 18.66 -4.87 16.75
N VAL A 235 17.39 -4.54 16.93
CA VAL A 235 16.76 -3.24 16.57
C VAL A 235 17.58 -2.13 17.26
N LEU A 236 18.08 -1.16 16.50
CA LEU A 236 18.87 -0.02 17.03
C LEU A 236 17.94 1.05 17.60
N ASN A 237 16.70 1.14 17.12
CA ASN A 237 15.72 2.18 17.55
C ASN A 237 15.57 2.09 19.07
N GLU A 238 15.86 3.18 19.79
CA GLU A 238 15.82 3.26 21.28
C GLU A 238 14.51 2.69 21.83
N ASP A 239 13.37 3.06 21.22
CA ASP A 239 12.02 2.79 21.79
C ASP A 239 11.50 1.44 21.27
N GLY A 240 12.28 0.74 20.45
CA GLY A 240 12.00 -0.66 20.03
C GLY A 240 10.90 -0.75 18.99
N LEU A 241 10.07 -1.79 19.08
CA LEU A 241 9.07 -2.17 18.06
C LEU A 241 7.68 -1.70 18.52
N ARG A 242 6.75 -1.50 17.59
CA ARG A 242 5.35 -1.14 17.89
C ARG A 242 4.53 -2.44 18.03
N TYR A 243 5.01 -3.53 17.43
CA TYR A 243 4.39 -4.87 17.49
C TYR A 243 5.50 -5.92 17.56
N GLU A 244 5.24 -7.06 18.22
CA GLU A 244 6.20 -8.19 18.32
C GLU A 244 6.48 -8.73 16.91
N ASP A 245 5.46 -8.78 16.06
CA ASP A 245 5.53 -9.23 14.64
C ASP A 245 5.48 -8.03 13.68
N GLU A 246 6.15 -6.92 14.00
CA GLU A 246 6.08 -5.67 13.22
C GLU A 246 6.55 -5.93 11.77
N PHE A 247 7.65 -6.68 11.62
CA PHE A 247 8.29 -6.93 10.29
C PHE A 247 7.27 -7.54 9.34
N VAL A 248 6.62 -8.64 9.73
CA VAL A 248 5.67 -9.36 8.85
C VAL A 248 4.37 -8.53 8.72
N LYS A 249 4.03 -7.72 9.72
CA LYS A 249 2.84 -6.81 9.64
C LYS A 249 3.09 -5.71 8.61
N HIS A 250 4.34 -5.25 8.46
CA HIS A 250 4.70 -4.23 7.45
C HIS A 250 4.65 -4.83 6.03
N LYS A 251 5.03 -6.10 5.86
CA LYS A 251 4.90 -6.84 4.59
C LYS A 251 3.42 -6.87 4.16
N ILE A 252 2.52 -7.01 5.14
CA ILE A 252 1.05 -7.04 4.90
C ILE A 252 0.59 -5.64 4.49
N LEU A 253 1.13 -4.60 5.15
CA LEU A 253 0.87 -3.18 4.84
C LEU A 253 1.24 -2.93 3.37
N ASP A 254 2.43 -3.39 2.96
CA ASP A 254 2.96 -3.25 1.58
C ASP A 254 2.07 -4.00 0.58
N ALA A 255 1.69 -5.24 0.90
CA ALA A 255 0.85 -6.09 0.03
C ALA A 255 -0.51 -5.42 -0.19
N ILE A 256 -1.08 -4.85 0.87
CA ILE A 256 -2.39 -4.15 0.74
C ILE A 256 -2.23 -2.97 -0.21
N GLY A 257 -1.15 -2.20 -0.11
CA GLY A 257 -0.84 -1.09 -1.04
C GLY A 257 -0.74 -1.56 -2.48
N ASP A 258 0.04 -2.61 -2.74
CA ASP A 258 0.25 -3.23 -4.08
C ASP A 258 -1.09 -3.76 -4.63
N LEU A 259 -1.87 -4.44 -3.80
CA LEU A 259 -3.18 -5.02 -4.20
C LEU A 259 -4.09 -3.92 -4.76
N TYR A 260 -3.96 -2.70 -4.24
CA TYR A 260 -4.88 -1.58 -4.57
C TYR A 260 -4.60 -1.04 -5.99
N LEU A 261 -3.44 -1.35 -6.56
CA LEU A 261 -3.10 -1.05 -7.98
C LEU A 261 -4.14 -1.73 -8.90
N LEU A 262 -4.85 -2.74 -8.41
CA LEU A 262 -6.06 -3.29 -9.10
C LEU A 262 -7.04 -2.14 -9.39
N GLY A 263 -7.10 -1.13 -8.51
CA GLY A 263 -7.91 0.10 -8.67
C GLY A 263 -9.29 0.00 -8.02
N ASN A 264 -9.59 -1.13 -7.38
CA ASN A 264 -10.85 -1.44 -6.65
C ASN A 264 -10.51 -2.37 -5.49
N SER A 265 -11.21 -2.27 -4.37
CA SER A 265 -10.98 -3.09 -3.14
C SER A 265 -11.30 -4.55 -3.46
N LEU A 266 -10.52 -5.48 -2.90
CA LEU A 266 -10.61 -6.93 -3.20
C LEU A 266 -11.61 -7.59 -2.26
N ILE A 267 -12.37 -8.55 -2.81
CA ILE A 267 -13.07 -9.61 -2.03
C ILE A 267 -12.41 -10.95 -2.36
N GLY A 268 -11.44 -11.31 -1.54
CA GLY A 268 -10.65 -12.54 -1.69
C GLY A 268 -9.59 -12.61 -0.62
N GLU A 269 -8.68 -13.57 -0.72
CA GLU A 269 -7.58 -13.76 0.23
C GLU A 269 -6.27 -13.58 -0.55
N PHE A 270 -5.27 -12.96 0.09
CA PHE A 270 -3.90 -12.91 -0.45
C PHE A 270 -2.98 -13.66 0.52
N ARG A 271 -2.14 -14.55 -0.03
CA ARG A 271 -1.09 -15.30 0.68
C ARG A 271 0.27 -14.95 0.04
N GLY A 272 1.14 -14.29 0.79
CA GLY A 272 2.55 -14.06 0.43
C GLY A 272 3.45 -15.05 1.13
N PHE A 273 4.32 -15.74 0.39
CA PHE A 273 5.42 -16.57 0.94
C PHE A 273 6.73 -15.96 0.44
N LYS A 274 7.37 -15.13 1.27
CA LYS A 274 8.61 -14.38 0.93
C LYS A 274 8.40 -13.48 -0.29
N SER A 275 7.15 -13.14 -0.64
CA SER A 275 6.88 -12.29 -1.83
C SER A 275 7.29 -10.85 -1.52
N GLY A 276 7.34 -10.01 -2.55
CA GLY A 276 7.63 -8.56 -2.48
C GLY A 276 6.92 -7.86 -3.61
N HIS A 277 7.27 -6.60 -3.87
CA HIS A 277 6.67 -5.76 -4.92
C HIS A 277 6.70 -6.49 -6.27
N ALA A 278 7.87 -7.01 -6.66
CA ALA A 278 8.08 -7.71 -7.95
C ALA A 278 7.05 -8.82 -8.11
N LEU A 279 7.00 -9.79 -7.18
CA LEU A 279 6.12 -10.98 -7.31
C LEU A 279 4.67 -10.59 -7.07
N ASN A 280 4.40 -9.61 -6.21
CA ASN A 280 3.04 -9.05 -5.99
C ASN A 280 2.49 -8.59 -7.35
N ASN A 281 3.30 -7.83 -8.10
CA ASN A 281 2.90 -7.22 -9.39
C ASN A 281 2.73 -8.32 -10.45
N GLN A 282 3.58 -9.35 -10.41
CA GLN A 282 3.42 -10.57 -11.25
C GLN A 282 2.00 -11.12 -11.08
N LEU A 283 1.55 -11.22 -9.82
CA LEU A 283 0.22 -11.78 -9.44
C LEU A 283 -0.88 -10.88 -9.98
N LEU A 284 -0.76 -9.56 -9.80
CA LEU A 284 -1.75 -8.56 -10.28
C LEU A 284 -1.96 -8.72 -11.79
N ARG A 285 -0.87 -8.79 -12.55
CA ARG A 285 -0.89 -8.92 -14.04
C ARG A 285 -1.58 -10.23 -14.43
N THR A 286 -1.17 -11.34 -13.82
CA THR A 286 -1.75 -12.68 -14.07
C THR A 286 -3.25 -12.65 -13.76
N LEU A 287 -3.61 -12.14 -12.58
CA LEU A 287 -5.04 -12.06 -12.19
C LEU A 287 -5.78 -11.24 -13.24
N ILE A 288 -5.32 -10.02 -13.57
CA ILE A 288 -6.03 -9.11 -14.53
C ILE A 288 -6.25 -9.88 -15.85
N ALA A 289 -5.25 -10.61 -16.32
CA ALA A 289 -5.25 -11.34 -17.61
C ALA A 289 -6.21 -12.54 -17.57
N ASP A 290 -6.25 -13.28 -16.46
CA ASP A 290 -7.15 -14.46 -16.30
C ASP A 290 -8.55 -13.99 -15.88
N LYS A 291 -9.35 -13.50 -16.83
CA LYS A 291 -10.63 -12.83 -16.52
C LYS A 291 -11.67 -13.86 -16.03
N ASP A 292 -11.38 -15.16 -16.14
CA ASP A 292 -12.20 -16.26 -15.53
C ASP A 292 -12.05 -16.25 -14.01
N ALA A 293 -11.00 -15.61 -13.47
CA ALA A 293 -10.61 -15.74 -12.04
C ALA A 293 -11.22 -14.61 -11.20
N TRP A 294 -11.82 -13.58 -11.83
CA TRP A 294 -12.35 -12.39 -11.10
C TRP A 294 -13.51 -11.75 -11.85
N GLU A 295 -14.33 -11.00 -11.12
CA GLU A 295 -15.45 -10.19 -11.66
C GLU A 295 -15.56 -8.92 -10.79
N VAL A 296 -16.07 -7.84 -11.38
CA VAL A 296 -16.44 -6.60 -10.66
C VAL A 296 -17.86 -6.81 -10.11
N VAL A 297 -18.06 -6.56 -8.81
CA VAL A 297 -19.39 -6.65 -8.15
C VAL A 297 -19.61 -5.36 -7.35
N THR A 298 -20.87 -4.95 -7.19
CA THR A 298 -21.30 -3.90 -6.23
C THR A 298 -22.26 -4.52 -5.22
N PHE A 299 -22.55 -3.82 -4.13
CA PHE A 299 -23.46 -4.29 -3.05
C PHE A 299 -24.53 -3.23 -2.81
N GLU A 300 -25.75 -3.52 -3.27
CA GLU A 300 -26.91 -2.59 -3.17
C GLU A 300 -27.40 -2.55 -1.71
N ASP A 301 -27.05 -3.54 -0.90
CA ASP A 301 -27.38 -3.59 0.55
C ASP A 301 -26.12 -3.94 1.36
N ALA A 302 -25.56 -2.97 2.08
CA ALA A 302 -24.40 -3.12 2.99
C ALA A 302 -24.61 -4.22 4.04
N ARG A 303 -25.85 -4.48 4.45
CA ARG A 303 -26.14 -5.35 5.62
C ARG A 303 -25.84 -6.81 5.29
N THR A 304 -25.83 -7.17 3.99
CA THR A 304 -25.62 -8.56 3.49
C THR A 304 -24.25 -8.70 2.83
N ALA A 305 -23.48 -7.61 2.74
CA ALA A 305 -22.12 -7.58 2.14
C ALA A 305 -21.15 -8.37 3.00
N PRO A 306 -20.07 -8.94 2.40
CA PRO A 306 -19.10 -9.71 3.17
C PRO A 306 -18.08 -8.82 3.91
N ILE A 307 -17.93 -7.58 3.47
CA ILE A 307 -16.98 -6.58 4.03
C ILE A 307 -17.78 -5.34 4.47
N SER A 308 -17.19 -4.52 5.33
CA SER A 308 -17.82 -3.29 5.89
C SER A 308 -16.75 -2.24 6.25
N TYR A 309 -17.12 -0.97 6.22
CA TYR A 309 -16.21 0.19 6.35
C TYR A 309 -16.65 1.02 7.54
N MET A 310 -15.67 1.54 8.29
CA MET A 310 -15.89 2.53 9.37
C MET A 310 -16.78 3.67 8.84
N ARG A 311 -17.59 4.29 9.70
CA ARG A 311 -18.34 5.52 9.36
C ARG A 311 -17.37 6.50 8.70
N PRO A 312 -17.85 7.34 7.75
CA PRO A 312 -16.98 8.28 7.04
C PRO A 312 -16.52 9.48 7.91
ZN ZN B . 6.90 -0.86 3.08
C1 7T5 C . 15.39 -6.80 3.86
N1 7T5 C . 12.40 -5.44 3.00
C2 7T5 C . 14.78 -5.99 2.73
N2 7T5 C . 10.03 -3.44 2.21
C3 7T5 C . 15.51 -6.26 1.41
C4 7T5 C . 13.31 -6.33 2.58
C5 7T5 C . 10.95 -5.65 2.91
O1 7T5 C . 12.95 -7.40 2.09
O2 7T5 C . 9.01 -1.85 3.44
C6 7T5 C . 10.37 -4.30 3.32
C7 7T5 C . 9.37 -2.29 2.35
C8 7T5 C . 9.05 -1.56 1.05
C9 7T5 C . 10.32 -1.03 0.37
C10 7T5 C . 10.61 0.25 1.14
C11 7T5 C . 9.23 0.80 1.47
C12 7T5 C . 11.42 -3.71 4.24
C13 7T5 C . 12.75 -4.13 3.62
C14 7T5 C . 13.29 -3.13 2.63
C15 7T5 C . 14.60 -1.04 2.67
F1 7T5 C . 11.31 -0.05 2.31
N3 7T5 C . 8.29 -0.32 1.30
N4 7T5 C . 14.04 -2.07 3.31
O3 7T5 C . 14.53 -0.92 1.44
C16 7T5 C . 15.36 -0.05 3.51
C17 7T5 C . 16.70 0.19 3.28
C18 7T5 C . 17.39 1.11 4.05
C19 7T5 C . 16.75 1.81 5.07
C20 7T5 C . 17.46 2.76 5.88
C21 7T5 C . 18.13 3.54 6.51
C22 7T5 C . 18.99 4.38 7.29
C23 7T5 C . 18.84 4.46 8.68
C24 7T5 C . 19.68 5.27 9.43
C25 7T5 C . 20.68 6.00 8.82
C26 7T5 C . 21.59 6.89 9.64
C31 7T5 C . 20.82 5.92 7.44
C32 7T5 C . 20.00 5.13 6.69
C33 7T5 C . 15.39 1.56 5.29
C34 7T5 C . 14.71 0.64 4.52
C1 EDO D . 11.65 -5.24 -1.27
O1 EDO D . 12.02 -5.59 -2.60
C2 EDO D . 10.24 -4.77 -1.12
O2 EDO D . 9.24 -5.69 -1.54
#